data_7XF8
#
_entry.id   7XF8
#
_cell.length_a   32.980
_cell.length_b   56.049
_cell.length_c   60.939
_cell.angle_alpha   90.000
_cell.angle_beta   90.000
_cell.angle_gamma   90.000
#
_symmetry.space_group_name_H-M   'P 21 21 21'
#
loop_
_entity.id
_entity.type
_entity.pdbx_description
1 polymer 'Lysozyme C'
2 non-polymer 2-acetamido-2-deoxy-alpha-D-glucopyranose
3 water water
#
_entity_poly.entity_id   1
_entity_poly.type   'polypeptide(L)'
_entity_poly.pdbx_seq_one_letter_code
;KVFERCELARTLKRLGMDGYRGISLANWMCLAKWESGYNTRATNYNAGDRSTDYGIFQINSRYWCNDGKTPGAVNACHLS
CSALLQDNIADAVACAKRVVRDPQGIRAWVAWRNRCQNRDVRQYVQGCGV
;
_entity_poly.pdbx_strand_id   A
#
loop_
_chem_comp.id
_chem_comp.type
_chem_comp.name
_chem_comp.formula
NDG D-saccharide, alpha linking 2-acetamido-2-deoxy-alpha-D-glucopyranose 'C8 H15 N O6'
#
# COMPACT_ATOMS: atom_id res chain seq x y z
N LYS A 1 -1.07 -7.34 11.87
CA LYS A 1 -0.35 -6.57 12.88
C LYS A 1 -0.47 -5.09 12.59
N VAL A 2 -0.42 -4.28 13.64
CA VAL A 2 -0.34 -2.83 13.52
C VAL A 2 1.12 -2.46 13.75
N PHE A 3 1.77 -1.96 12.70
CA PHE A 3 3.15 -1.52 12.84
C PHE A 3 3.23 -0.22 13.65
N GLU A 4 4.31 -0.11 14.42
CA GLU A 4 4.73 1.20 14.88
C GLU A 4 5.45 1.94 13.75
N ARG A 5 5.37 3.27 13.79
CA ARG A 5 5.81 4.10 12.68
C ARG A 5 7.23 3.77 12.24
N CYS A 6 8.20 3.90 13.15
CA CYS A 6 9.59 3.76 12.72
C CYS A 6 9.94 2.31 12.38
N GLU A 7 9.32 1.35 13.07
CA GLU A 7 9.46 -0.06 12.71
C GLU A 7 9.07 -0.27 11.25
N LEU A 8 7.93 0.29 10.84
CA LEU A 8 7.49 0.15 9.44
C LEU A 8 8.46 0.82 8.48
N ALA A 9 8.94 2.01 8.84
CA ALA A 9 9.85 2.72 7.95
C ALA A 9 11.08 1.88 7.64
N ARG A 10 11.68 1.29 8.68
CA ARG A 10 12.85 0.45 8.45
C ARG A 10 12.50 -0.83 7.72
N THR A 11 11.31 -1.39 7.96
CA THR A 11 10.89 -2.58 7.25
C THR A 11 10.76 -2.30 5.77
N LEU A 12 10.11 -1.19 5.42
CA LEU A 12 9.95 -0.81 4.02
C LEU A 12 11.30 -0.54 3.37
N LYS A 13 12.22 0.10 4.11
CA LYS A 13 13.53 0.39 3.55
C LYS A 13 14.28 -0.89 3.20
N ARG A 14 14.25 -1.87 4.11
CA ARG A 14 14.94 -3.13 3.86
C ARG A 14 14.35 -3.86 2.66
N LEU A 15 13.07 -3.61 2.36
CA LEU A 15 12.39 -4.25 1.24
C LEU A 15 12.54 -3.47 -0.06
N GLY A 16 13.34 -2.40 -0.06
CA GLY A 16 13.70 -1.72 -1.28
C GLY A 16 12.73 -0.65 -1.74
N MET A 17 11.96 -0.07 -0.83
CA MET A 17 10.94 0.90 -1.23
C MET A 17 11.45 2.34 -1.26
N ASP A 18 12.60 2.64 -0.66
CA ASP A 18 13.07 4.02 -0.66
C ASP A 18 13.50 4.41 -2.06
N GLY A 19 12.73 5.29 -2.69
CA GLY A 19 13.03 5.74 -4.03
C GLY A 19 12.61 4.81 -5.14
N TYR A 20 11.83 3.78 -4.84
CA TYR A 20 11.35 2.88 -5.88
C TYR A 20 10.50 3.66 -6.88
N ARG A 21 10.88 3.58 -8.15
CA ARG A 21 10.26 4.38 -9.21
C ARG A 21 10.09 5.83 -8.78
N GLY A 22 11.10 6.36 -8.08
CA GLY A 22 11.12 7.76 -7.71
C GLY A 22 10.34 8.15 -6.46
N ILE A 23 9.81 7.17 -5.72
CA ILE A 23 8.91 7.42 -4.60
C ILE A 23 9.69 7.30 -3.29
N SER A 24 9.80 8.40 -2.56
CA SER A 24 10.53 8.41 -1.31
C SER A 24 9.84 7.55 -0.24
N LEU A 25 10.63 7.08 0.72
CA LEU A 25 10.08 6.33 1.83
C LEU A 25 8.99 7.10 2.54
N ALA A 26 9.17 8.41 2.73
CA ALA A 26 8.17 9.20 3.44
C ALA A 26 6.82 9.17 2.73
N ASN A 27 6.84 9.09 1.41
CA ASN A 27 5.58 9.00 0.67
C ASN A 27 4.90 7.65 0.90
N TRP A 28 5.68 6.57 0.90
CA TRP A 28 5.12 5.26 1.21
C TRP A 28 4.53 5.24 2.60
N MET A 29 5.22 5.88 3.56
CA MET A 29 4.74 5.92 4.94
C MET A 29 3.45 6.72 5.03
N CYS A 30 3.40 7.88 4.37
CA CYS A 30 2.17 8.66 4.33
C CYS A 30 1.03 7.82 3.76
N LEU A 31 1.30 7.07 2.69
CA LEU A 31 0.28 6.21 2.10
C LEU A 31 -0.22 5.17 3.11
N ALA A 32 0.71 4.46 3.76
CA ALA A 32 0.30 3.43 4.71
C ALA A 32 -0.45 4.01 5.89
N LYS A 33 -0.03 5.18 6.38
CA LYS A 33 -0.72 5.81 7.50
C LYS A 33 -2.17 6.07 7.17
N TRP A 34 -2.42 6.71 6.02
CA TRP A 34 -3.78 7.15 5.71
C TRP A 34 -4.63 6.04 5.11
N GLU A 35 -4.02 5.02 4.52
CA GLU A 35 -4.83 3.92 4.02
C GLU A 35 -5.32 3.02 5.14
N SER A 36 -4.46 2.72 6.12
CA SER A 36 -4.75 1.66 7.09
C SER A 36 -4.32 1.94 8.51
N GLY A 37 -3.69 3.09 8.78
CA GLY A 37 -3.07 3.25 10.08
C GLY A 37 -2.00 2.21 10.36
N TYR A 38 -1.27 1.80 9.32
CA TYR A 38 -0.18 0.85 9.44
C TYR A 38 -0.66 -0.55 9.84
N ASN A 39 -1.85 -0.94 9.40
CA ASN A 39 -2.51 -2.16 9.82
C ASN A 39 -2.57 -3.15 8.67
N THR A 40 -1.89 -4.29 8.81
CA THR A 40 -1.83 -5.25 7.71
C THR A 40 -3.09 -6.08 7.55
N ARG A 41 -3.95 -6.15 8.56
CA ARG A 41 -5.15 -6.98 8.47
C ARG A 41 -6.38 -6.20 8.06
N ALA A 42 -6.23 -4.91 7.73
CA ALA A 42 -7.37 -4.06 7.42
C ALA A 42 -8.02 -4.46 6.11
N THR A 43 -9.35 -4.47 6.10
CA THR A 43 -10.11 -4.67 4.87
C THR A 43 -11.22 -3.63 4.82
N ASN A 44 -11.54 -3.20 3.61
CA ASN A 44 -12.63 -2.25 3.39
C ASN A 44 -13.41 -2.71 2.17
N TYR A 45 -14.68 -3.03 2.37
CA TYR A 45 -15.55 -3.43 1.28
C TYR A 45 -16.14 -2.18 0.62
N ASN A 46 -16.14 -2.19 -0.71
CA ASN A 46 -16.70 -1.10 -1.50
C ASN A 46 -18.00 -1.59 -2.12
N ALA A 47 -19.12 -1.30 -1.46
CA ALA A 47 -20.41 -1.79 -1.94
C ALA A 47 -20.73 -1.26 -3.32
N GLY A 48 -20.17 -0.11 -3.68
CA GLY A 48 -20.49 0.49 -4.97
C GLY A 48 -20.17 -0.42 -6.15
N ASP A 49 -18.98 -1.04 -6.13
CA ASP A 49 -18.54 -1.88 -7.24
C ASP A 49 -18.15 -3.29 -6.80
N ARG A 50 -18.49 -3.69 -5.58
CA ARG A 50 -18.29 -5.04 -5.06
C ARG A 50 -16.81 -5.43 -4.94
N SER A 51 -15.91 -4.47 -4.93
CA SER A 51 -14.50 -4.73 -4.70
C SER A 51 -14.16 -4.52 -3.22
N THR A 52 -12.97 -4.98 -2.84
CA THR A 52 -12.47 -4.87 -1.48
C THR A 52 -11.03 -4.38 -1.50
N ASP A 53 -10.69 -3.52 -0.54
CA ASP A 53 -9.34 -3.01 -0.35
C ASP A 53 -8.67 -3.83 0.74
N TYR A 54 -7.42 -4.24 0.51
CA TYR A 54 -6.76 -5.22 1.36
C TYR A 54 -5.43 -4.70 1.91
N GLY A 55 -5.27 -4.79 3.22
CA GLY A 55 -3.96 -4.72 3.85
C GLY A 55 -3.48 -3.32 4.15
N ILE A 56 -2.17 -3.24 4.39
CA ILE A 56 -1.57 -2.01 4.87
C ILE A 56 -1.64 -0.89 3.83
N PHE A 57 -1.63 -1.24 2.54
CA PHE A 57 -1.77 -0.24 1.49
C PHE A 57 -3.18 -0.19 0.91
N GLN A 58 -4.11 -0.99 1.44
CA GLN A 58 -5.49 -1.03 0.97
C GLN A 58 -5.55 -1.14 -0.55
N ILE A 59 -4.88 -2.16 -1.07
CA ILE A 59 -4.84 -2.45 -2.50
C ILE A 59 -6.13 -3.13 -2.92
N ASN A 60 -6.66 -2.74 -4.09
CA ASN A 60 -8.03 -3.05 -4.46
C ASN A 60 -8.11 -4.28 -5.36
N SER A 61 -9.15 -5.09 -5.13
CA SER A 61 -9.30 -6.38 -5.79
C SER A 61 -9.75 -6.27 -7.24
N ARG A 62 -10.26 -5.11 -7.66
CA ARG A 62 -10.75 -5.00 -9.03
C ARG A 62 -9.61 -5.17 -10.02
N TYR A 63 -8.38 -4.79 -9.63
CA TYR A 63 -7.29 -4.79 -10.59
C TYR A 63 -6.05 -5.55 -10.15
N TRP A 64 -5.79 -5.65 -8.83
CA TRP A 64 -4.45 -5.98 -8.36
C TRP A 64 -4.28 -7.34 -7.71
N CYS A 65 -5.31 -7.88 -7.06
CA CYS A 65 -5.23 -9.20 -6.46
C CYS A 65 -6.53 -9.93 -6.72
N ASN A 66 -6.51 -11.25 -6.57
CA ASN A 66 -7.70 -12.08 -6.76
C ASN A 66 -8.31 -12.47 -5.43
N ASP A 67 -9.60 -12.16 -5.25
CA ASP A 67 -10.37 -12.69 -4.12
C ASP A 67 -11.56 -13.53 -4.59
N GLY A 68 -11.69 -13.77 -5.89
CA GLY A 68 -12.74 -14.60 -6.41
C GLY A 68 -14.12 -13.98 -6.46
N LYS A 69 -14.39 -12.98 -5.62
CA LYS A 69 -15.75 -12.47 -5.44
C LYS A 69 -15.96 -11.09 -6.03
N THR A 70 -14.96 -10.53 -6.72
CA THR A 70 -15.10 -9.23 -7.35
C THR A 70 -15.46 -9.42 -8.81
N PRO A 71 -16.62 -8.96 -9.25
CA PRO A 71 -17.01 -9.21 -10.64
C PRO A 71 -16.10 -8.51 -11.63
N GLY A 72 -15.81 -9.18 -12.74
CA GLY A 72 -15.03 -8.55 -13.80
C GLY A 72 -13.72 -8.01 -13.32
N ALA A 73 -13.02 -8.75 -12.47
CA ALA A 73 -11.77 -8.32 -11.87
C ALA A 73 -10.60 -9.02 -12.54
N VAL A 74 -9.42 -8.40 -12.40
CA VAL A 74 -8.16 -8.98 -12.81
C VAL A 74 -7.22 -8.95 -11.62
N ASN A 75 -5.99 -9.46 -11.83
CA ASN A 75 -5.08 -9.83 -10.75
C ASN A 75 -3.66 -9.50 -11.20
N ALA A 76 -3.36 -8.19 -11.29
CA ALA A 76 -2.11 -7.78 -11.92
C ALA A 76 -0.89 -8.11 -11.06
N CYS A 77 -1.07 -8.22 -9.74
CA CYS A 77 0.01 -8.65 -8.87
C CYS A 77 0.18 -10.16 -8.82
N HIS A 78 -0.67 -10.90 -9.52
CA HIS A 78 -0.73 -12.36 -9.49
C HIS A 78 -0.54 -12.91 -8.08
N LEU A 79 -1.42 -12.46 -7.19
CA LEU A 79 -1.50 -12.97 -5.83
C LEU A 79 -2.94 -13.14 -5.38
N SER A 80 -3.16 -14.08 -4.47
CA SER A 80 -4.40 -14.07 -3.70
C SER A 80 -4.43 -12.81 -2.83
N CYS A 81 -5.61 -12.19 -2.74
CA CYS A 81 -5.72 -11.04 -1.85
C CYS A 81 -5.38 -11.42 -0.41
N SER A 82 -5.51 -12.71 -0.06
CA SER A 82 -5.06 -13.18 1.25
C SER A 82 -3.60 -12.82 1.50
N ALA A 83 -2.77 -12.84 0.46
CA ALA A 83 -1.37 -12.51 0.64
C ALA A 83 -1.18 -11.10 1.16
N LEU A 84 -2.14 -10.22 0.93
CA LEU A 84 -2.06 -8.83 1.36
C LEU A 84 -2.58 -8.63 2.78
N LEU A 85 -2.88 -9.71 3.50
CA LEU A 85 -3.32 -9.64 4.88
C LEU A 85 -2.34 -10.31 5.84
N GLN A 86 -1.13 -10.60 5.39
CA GLN A 86 -0.12 -11.20 6.25
C GLN A 86 0.54 -10.15 7.13
N ASP A 87 1.06 -10.60 8.28
CA ASP A 87 1.91 -9.71 9.10
C ASP A 87 3.19 -9.35 8.34
N ASN A 88 3.76 -10.30 7.62
CA ASN A 88 4.92 -10.05 6.78
C ASN A 88 4.47 -9.35 5.51
N ILE A 89 5.02 -8.16 5.25
CA ILE A 89 4.50 -7.31 4.18
C ILE A 89 5.30 -7.45 2.88
N ALA A 90 6.15 -8.47 2.77
CA ALA A 90 6.94 -8.62 1.55
C ALA A 90 6.04 -8.71 0.32
N ASP A 91 4.98 -9.54 0.39
CA ASP A 91 4.12 -9.69 -0.78
C ASP A 91 3.36 -8.39 -1.06
N ALA A 92 2.88 -7.72 0.00
CA ALA A 92 2.21 -6.44 -0.18
C ALA A 92 3.14 -5.42 -0.84
N VAL A 93 4.41 -5.44 -0.46
CA VAL A 93 5.38 -4.51 -1.04
C VAL A 93 5.63 -4.85 -2.51
N ALA A 94 5.78 -6.14 -2.82
CA ALA A 94 5.91 -6.54 -4.21
C ALA A 94 4.72 -6.05 -5.03
N CYS A 95 3.52 -6.12 -4.47
CA CYS A 95 2.34 -5.68 -5.20
C CYS A 95 2.30 -4.16 -5.33
N ALA A 96 2.66 -3.46 -4.25
CA ALA A 96 2.74 -1.99 -4.33
C ALA A 96 3.75 -1.55 -5.39
N LYS A 97 4.87 -2.28 -5.49
CA LYS A 97 5.85 -1.96 -6.54
C LYS A 97 5.24 -2.17 -7.93
N ARG A 98 4.47 -3.24 -8.10
CA ARG A 98 3.78 -3.48 -9.37
C ARG A 98 2.82 -2.35 -9.68
N VAL A 99 2.05 -1.91 -8.68
CA VAL A 99 1.10 -0.82 -8.91
C VAL A 99 1.81 0.38 -9.51
N VAL A 100 2.94 0.79 -8.92
CA VAL A 100 3.57 2.03 -9.35
C VAL A 100 4.46 1.86 -10.57
N ARG A 101 4.57 0.64 -11.10
CA ARG A 101 5.14 0.46 -12.43
C ARG A 101 4.19 0.87 -13.54
N ASP A 102 2.93 1.14 -13.21
CA ASP A 102 1.96 1.64 -14.17
C ASP A 102 2.00 3.17 -14.21
N PRO A 103 1.41 3.76 -15.24
CA PRO A 103 1.65 5.20 -15.49
C PRO A 103 1.39 6.11 -14.31
N GLN A 104 0.33 5.86 -13.54
CA GLN A 104 -0.02 6.79 -12.46
C GLN A 104 1.01 6.82 -11.34
N GLY A 105 1.79 5.76 -11.18
CA GLY A 105 2.68 5.72 -10.04
C GLY A 105 1.89 5.77 -8.75
N ILE A 106 2.43 6.50 -7.77
CA ILE A 106 1.82 6.59 -6.45
C ILE A 106 0.44 7.22 -6.50
N ARG A 107 0.12 7.96 -7.55
CA ARG A 107 -1.22 8.53 -7.70
C ARG A 107 -2.30 7.46 -7.88
N ALA A 108 -1.93 6.18 -8.03
CA ALA A 108 -2.94 5.14 -8.18
C ALA A 108 -3.84 5.05 -6.95
N TRP A 109 -3.31 5.40 -5.78
CA TRP A 109 -4.10 5.44 -4.55
C TRP A 109 -4.67 6.85 -4.38
N VAL A 110 -6.00 6.98 -4.47
CA VAL A 110 -6.60 8.31 -4.38
C VAL A 110 -6.28 8.97 -3.04
N ALA A 111 -6.22 8.17 -1.97
CA ALA A 111 -5.92 8.75 -0.65
C ALA A 111 -4.56 9.43 -0.62
N TRP A 112 -3.62 8.97 -1.44
CA TRP A 112 -2.32 9.64 -1.49
C TRP A 112 -2.48 11.04 -2.08
N ARG A 113 -3.33 11.18 -3.10
CA ARG A 113 -3.58 12.50 -3.66
C ARG A 113 -4.16 13.44 -2.62
N ASN A 114 -5.05 12.93 -1.77
CA ASN A 114 -5.76 13.78 -0.83
C ASN A 114 -4.96 14.07 0.42
N ARG A 115 -4.08 13.14 0.82
CA ARG A 115 -3.44 13.18 2.13
C ARG A 115 -1.93 13.40 2.09
N CYS A 116 -1.29 13.25 0.93
CA CYS A 116 0.17 13.25 0.87
C CYS A 116 0.73 14.14 -0.24
N GLN A 117 0.03 14.22 -1.36
CA GLN A 117 0.52 14.97 -2.50
C GLN A 117 0.68 16.45 -2.17
N ASN A 118 1.80 17.03 -2.62
CA ASN A 118 2.10 18.46 -2.41
C ASN A 118 2.03 18.83 -0.93
N ARG A 119 2.45 17.91 -0.08
CA ARG A 119 2.46 18.14 1.36
C ARG A 119 3.86 17.86 1.90
N ASP A 120 4.13 18.44 3.07
CA ASP A 120 5.33 18.10 3.83
C ASP A 120 5.12 16.74 4.47
N VAL A 121 5.80 15.72 3.95
CA VAL A 121 5.65 14.36 4.46
C VAL A 121 6.85 13.93 5.29
N ARG A 122 7.74 14.86 5.62
CA ARG A 122 8.97 14.46 6.30
C ARG A 122 8.71 13.92 7.71
N GLN A 123 7.62 14.34 8.35
CA GLN A 123 7.37 13.90 9.73
C GLN A 123 7.28 12.38 9.82
N TYR A 124 6.83 11.71 8.77
CA TYR A 124 6.57 10.29 8.90
C TYR A 124 7.84 9.46 9.08
N VAL A 125 9.01 9.99 8.71
CA VAL A 125 10.25 9.25 8.86
C VAL A 125 11.23 9.88 9.85
N GLN A 126 10.90 11.05 10.40
CA GLN A 126 11.76 11.67 11.44
C GLN A 126 12.05 10.69 12.57
N GLY A 127 13.34 10.54 12.86
CA GLY A 127 13.82 9.75 14.00
C GLY A 127 13.94 8.26 13.76
N CYS A 128 13.59 7.78 12.58
CA CYS A 128 13.52 6.33 12.35
C CYS A 128 14.83 5.73 11.85
N GLY A 129 15.82 6.55 11.53
CA GLY A 129 17.09 6.01 11.08
C GLY A 129 17.08 5.54 9.65
N VAL A 130 16.27 6.16 8.80
CA VAL A 130 16.15 5.73 7.41
C VAL A 130 16.62 6.85 6.49
C1 NDG B . -7.82 2.34 -4.48
C2 NDG B . -7.40 1.60 -5.80
C3 NDG B . -8.14 2.23 -6.98
C4 NDG B . -9.65 2.22 -6.71
C5 NDG B . -9.99 2.94 -5.39
C6 NDG B . -11.47 2.80 -5.00
C7 NDG B . -5.06 0.73 -5.73
C8 NDG B . -3.62 0.95 -6.17
O5 NDG B . -9.25 2.30 -4.34
O3 NDG B . -7.67 1.68 -8.25
O4 NDG B . -10.39 2.61 -7.87
O6 NDG B . -11.67 2.37 -3.65
O7 NDG B . -5.42 -0.21 -5.03
N2 NDG B . -6.00 1.64 -6.15
O1 NDG B . -7.36 3.69 -4.46
H2 NDG B . -7.71 0.56 -5.62
H3 NDG B . -7.88 3.29 -7.07
H4 NDG B . -9.91 1.16 -6.56
H61 NDG B . -11.97 2.08 -5.65
H62 NDG B . -11.99 3.76 -5.11
H81 NDG B . -3.23 1.92 -5.81
H82 NDG B . -3.50 0.95 -7.26
H83 NDG B . -2.94 0.18 -5.78
HO3 NDG B . -7.80 0.71 -8.35
HO4 NDG B . -10.70 1.75 -8.17
HO6 NDG B . -11.43 3.12 -3.09
HN2 NDG B . -5.78 2.19 -6.97
#